data_1YYB
#
_entry.id   1YYB
#
_cell.length_a   1.000
_cell.length_b   1.000
_cell.length_c   1.000
_cell.angle_alpha   90.00
_cell.angle_beta   90.00
_cell.angle_gamma   90.00
#
_symmetry.space_group_name_H-M   'P 1'
#
_entity_poly.entity_id   1
_entity_poly.type   'polypeptide(L)'
_entity_poly.pdbx_seq_one_letter_code
;GSADEELEALRRQRLAELQAKHGDPGD
;
_entity_poly.pdbx_strand_id   A
#
# COMPACT_ATOMS: atom_id res chain seq x y z
N SER A 2 -12.09 -7.00 -12.16
CA SER A 2 -11.31 -6.26 -11.13
C SER A 2 -10.07 -5.62 -11.73
N ALA A 3 -10.23 -5.04 -12.90
CA ALA A 3 -9.13 -4.37 -13.59
C ALA A 3 -8.34 -3.50 -12.61
N ASP A 4 -9.01 -2.46 -12.11
CA ASP A 4 -8.41 -1.55 -11.15
C ASP A 4 -8.46 -2.14 -9.75
N GLU A 5 -9.57 -2.82 -9.47
CA GLU A 5 -9.80 -3.44 -8.18
C GLU A 5 -8.68 -4.41 -7.81
N GLU A 6 -8.44 -5.39 -8.67
CA GLU A 6 -7.39 -6.38 -8.45
C GLU A 6 -6.08 -5.66 -8.12
N LEU A 7 -5.69 -4.77 -9.00
CA LEU A 7 -4.48 -3.99 -8.81
C LEU A 7 -4.61 -3.22 -7.53
N GLU A 8 -5.81 -2.80 -7.24
CA GLU A 8 -6.06 -2.02 -6.04
C GLU A 8 -5.54 -2.77 -4.82
N ALA A 9 -5.72 -4.09 -4.85
CA ALA A 9 -5.22 -4.94 -3.78
C ALA A 9 -3.72 -5.08 -3.89
N LEU A 10 -3.24 -5.01 -5.13
CA LEU A 10 -1.81 -5.14 -5.43
C LEU A 10 -1.07 -3.86 -5.07
N ARG A 11 -1.66 -2.75 -5.44
CA ARG A 11 -1.09 -1.43 -5.19
C ARG A 11 -1.27 -1.07 -3.74
N ARG A 12 -2.33 -1.57 -3.13
CA ARG A 12 -2.56 -1.31 -1.72
C ARG A 12 -1.73 -2.25 -0.90
N GLN A 13 -1.50 -3.44 -1.42
CA GLN A 13 -0.70 -4.39 -0.72
C GLN A 13 0.72 -3.88 -0.59
N ARG A 14 1.28 -3.47 -1.72
CA ARG A 14 2.63 -2.92 -1.76
C ARG A 14 2.66 -1.48 -1.25
N LEU A 15 1.57 -0.75 -1.49
CA LEU A 15 1.49 0.65 -1.08
C LEU A 15 1.13 0.80 0.39
N ALA A 16 -0.01 0.23 0.79
CA ALA A 16 -0.45 0.34 2.18
C ALA A 16 0.65 -0.10 3.15
N GLU A 17 1.23 -1.26 2.90
CA GLU A 17 2.30 -1.78 3.75
C GLU A 17 3.48 -0.82 3.81
N LEU A 18 3.96 -0.42 2.65
CA LEU A 18 5.10 0.51 2.58
C LEU A 18 4.75 1.84 3.24
N GLN A 19 3.60 2.40 2.87
CA GLN A 19 3.15 3.67 3.42
C GLN A 19 2.98 3.56 4.93
N ALA A 20 2.85 2.33 5.44
CA ALA A 20 2.68 2.10 6.87
C ALA A 20 4.02 2.17 7.60
N LYS A 21 5.08 1.78 6.90
CA LYS A 21 6.41 1.80 7.49
C LYS A 21 7.18 3.04 7.06
N HIS A 22 6.45 4.12 6.79
CA HIS A 22 7.07 5.37 6.38
C HIS A 22 7.43 6.23 7.58
N GLY A 23 7.93 7.43 7.32
CA GLY A 23 8.30 8.33 8.40
C GLY A 23 9.59 9.06 8.12
N ASP A 24 9.90 10.06 8.94
CA ASP A 24 11.12 10.84 8.79
C ASP A 24 11.27 11.86 9.91
N PRO A 25 11.79 11.43 11.07
CA PRO A 25 11.99 12.31 12.23
C PRO A 25 13.09 13.34 12.01
N GLY A 26 14.19 12.88 11.41
CA GLY A 26 15.31 13.77 11.15
C GLY A 26 15.95 14.28 12.42
N ASP A 27 16.16 13.39 13.38
CA ASP A 27 16.78 13.77 14.65
C ASP A 27 18.30 13.76 14.54
N SER A 2 -13.41 -6.28 -11.85
CA SER A 2 -12.28 -5.95 -10.94
C SER A 2 -10.98 -5.81 -11.70
N ALA A 3 -10.91 -4.76 -12.52
CA ALA A 3 -9.72 -4.48 -13.30
C ALA A 3 -8.77 -3.62 -12.48
N ASP A 4 -9.27 -2.46 -12.07
CA ASP A 4 -8.52 -1.53 -11.26
C ASP A 4 -8.60 -1.97 -9.80
N GLU A 5 -9.77 -2.48 -9.43
CA GLU A 5 -10.04 -2.95 -8.08
C GLU A 5 -9.01 -4.00 -7.66
N GLU A 6 -8.91 -5.06 -8.45
CA GLU A 6 -7.96 -6.14 -8.16
C GLU A 6 -6.59 -5.56 -7.91
N LEU A 7 -6.11 -4.78 -8.87
CA LEU A 7 -4.83 -4.13 -8.75
C LEU A 7 -4.84 -3.25 -7.52
N GLU A 8 -5.98 -2.68 -7.25
CA GLU A 8 -6.12 -1.79 -6.11
C GLU A 8 -5.66 -2.50 -4.85
N ALA A 9 -5.97 -3.79 -4.76
CA ALA A 9 -5.55 -4.61 -3.64
C ALA A 9 -4.07 -4.91 -3.77
N LEU A 10 -3.62 -5.00 -5.02
CA LEU A 10 -2.22 -5.28 -5.33
C LEU A 10 -1.34 -4.08 -5.05
N ARG A 11 -1.83 -2.93 -5.45
CA ARG A 11 -1.12 -1.68 -5.27
C ARG A 11 -1.26 -1.21 -3.85
N ARG A 12 -2.36 -1.56 -3.21
CA ARG A 12 -2.57 -1.19 -1.83
C ARG A 12 -1.83 -2.17 -0.93
N GLN A 13 -1.72 -3.40 -1.40
CA GLN A 13 -1.03 -4.40 -0.62
C GLN A 13 0.45 -4.03 -0.55
N ARG A 14 1.03 -3.76 -1.72
CA ARG A 14 2.43 -3.37 -1.80
C ARG A 14 2.63 -1.92 -1.38
N LEU A 15 1.62 -1.09 -1.63
CA LEU A 15 1.69 0.33 -1.30
C LEU A 15 1.39 0.59 0.17
N ALA A 16 0.22 0.16 0.62
CA ALA A 16 -0.18 0.36 2.02
C ALA A 16 0.80 -0.33 2.97
N GLU A 17 1.44 -1.38 2.50
CA GLU A 17 2.40 -2.13 3.31
C GLU A 17 3.52 -1.21 3.80
N LEU A 18 4.14 -0.50 2.86
CA LEU A 18 5.23 0.42 3.19
C LEU A 18 4.71 1.62 3.97
N GLN A 19 3.61 2.20 3.49
CA GLN A 19 3.01 3.35 4.15
C GLN A 19 2.62 3.02 5.59
N ALA A 20 2.45 1.73 5.87
CA ALA A 20 2.08 1.29 7.21
C ALA A 20 3.29 1.23 8.13
N LYS A 21 4.32 0.51 7.70
CA LYS A 21 5.54 0.38 8.49
C LYS A 21 6.32 1.70 8.50
N HIS A 22 6.31 2.39 7.38
CA HIS A 22 7.02 3.66 7.25
C HIS A 22 6.06 4.83 7.42
N GLY A 23 5.95 5.33 8.64
CA GLY A 23 5.07 6.45 8.92
C GLY A 23 5.82 7.76 9.11
N ASP A 24 5.23 8.67 9.87
CA ASP A 24 5.86 9.96 10.13
C ASP A 24 5.12 10.70 11.25
N PRO A 25 5.85 11.53 12.03
CA PRO A 25 5.26 12.30 13.13
C PRO A 25 4.33 13.41 12.63
N GLY A 26 4.75 14.09 11.59
CA GLY A 26 3.96 15.16 11.03
C GLY A 26 3.26 14.77 9.74
N ASP A 27 2.78 15.77 9.01
CA ASP A 27 2.08 15.51 7.74
C ASP A 27 0.84 14.65 7.96
N SER A 2 -13.31 -6.11 -12.13
CA SER A 2 -12.19 -5.80 -11.20
C SER A 2 -10.88 -5.64 -11.96
N ALA A 3 -10.80 -4.58 -12.74
CA ALA A 3 -9.60 -4.28 -13.50
C ALA A 3 -8.66 -3.44 -12.65
N ASP A 4 -9.17 -2.29 -12.23
CA ASP A 4 -8.42 -1.38 -11.38
C ASP A 4 -8.52 -1.86 -9.93
N GLU A 5 -9.69 -2.37 -9.59
CA GLU A 5 -9.98 -2.88 -8.25
C GLU A 5 -8.95 -3.94 -7.85
N GLU A 6 -8.84 -4.98 -8.66
CA GLU A 6 -7.90 -6.06 -8.39
C GLU A 6 -6.53 -5.48 -8.11
N LEU A 7 -6.04 -4.68 -9.05
CA LEU A 7 -4.76 -4.04 -8.90
C LEU A 7 -4.77 -3.20 -7.65
N GLU A 8 -5.93 -2.63 -7.38
CA GLU A 8 -6.08 -1.77 -6.22
C GLU A 8 -5.62 -2.51 -4.97
N ALA A 9 -5.94 -3.79 -4.92
CA ALA A 9 -5.54 -4.64 -3.81
C ALA A 9 -4.04 -4.95 -3.93
N LEU A 10 -3.58 -5.01 -5.18
CA LEU A 10 -2.19 -5.30 -5.48
C LEU A 10 -1.30 -4.11 -5.19
N ARG A 11 -1.78 -2.95 -5.59
CA ARG A 11 -1.07 -1.70 -5.41
C ARG A 11 -1.22 -1.24 -3.99
N ARG A 12 -2.32 -1.57 -3.36
CA ARG A 12 -2.54 -1.20 -1.98
C ARG A 12 -1.82 -2.17 -1.08
N GLN A 13 -1.73 -3.41 -1.54
CA GLN A 13 -1.04 -4.40 -0.75
C GLN A 13 0.44 -4.04 -0.67
N ARG A 14 1.02 -3.76 -1.83
CA ARG A 14 2.41 -3.37 -1.92
C ARG A 14 2.61 -1.91 -1.50
N LEU A 15 1.61 -1.07 -1.79
CA LEU A 15 1.69 0.35 -1.45
C LEU A 15 1.36 0.62 0.01
N ALA A 16 0.17 0.20 0.44
CA ALA A 16 -0.25 0.40 1.83
C ALA A 16 0.72 -0.25 2.81
N GLU A 17 1.38 -1.31 2.35
CA GLU A 17 2.34 -2.03 3.19
C GLU A 17 3.47 -1.10 3.65
N LEU A 18 4.08 -0.42 2.69
CA LEU A 18 5.18 0.50 2.99
C LEU A 18 4.65 1.83 3.51
N GLN A 19 3.62 2.34 2.84
CA GLN A 19 3.02 3.61 3.23
C GLN A 19 2.53 3.57 4.69
N ALA A 20 2.28 2.35 5.19
CA ALA A 20 1.81 2.17 6.55
C ALA A 20 2.90 1.57 7.43
N LYS A 21 4.15 1.87 7.11
CA LYS A 21 5.28 1.35 7.88
C LYS A 21 5.89 2.44 8.74
N HIS A 22 5.84 3.67 8.27
CA HIS A 22 6.38 4.80 9.00
C HIS A 22 5.71 4.95 10.36
N GLY A 23 6.37 4.46 11.40
CA GLY A 23 5.81 4.55 12.74
C GLY A 23 6.68 3.85 13.77
N ASP A 24 7.43 4.63 14.55
CA ASP A 24 8.30 4.07 15.58
C ASP A 24 7.49 3.29 16.61
N PRO A 25 8.10 2.26 17.21
CA PRO A 25 7.43 1.42 18.22
C PRO A 25 7.20 2.17 19.52
N GLY A 26 6.11 2.93 19.59
CA GLY A 26 5.79 3.69 20.78
C GLY A 26 5.33 5.09 20.46
N ASP A 27 4.03 5.33 20.59
CA ASP A 27 3.45 6.64 20.32
C ASP A 27 3.07 7.34 21.62
N SER A 2 -12.90 -6.26 -11.72
CA SER A 2 -12.00 -5.60 -10.73
C SER A 2 -10.73 -5.09 -11.39
N ALA A 3 -10.88 -4.50 -12.56
CA ALA A 3 -9.75 -3.95 -13.30
C ALA A 3 -8.84 -3.15 -12.37
N ASP A 4 -9.37 -2.05 -11.85
CA ASP A 4 -8.65 -1.20 -10.93
C ASP A 4 -8.70 -1.77 -9.52
N GLU A 5 -9.85 -2.33 -9.18
CA GLU A 5 -10.09 -2.92 -7.88
C GLU A 5 -9.05 -4.00 -7.55
N GLU A 6 -8.96 -5.00 -8.41
CA GLU A 6 -7.99 -6.08 -8.22
C GLU A 6 -6.62 -5.51 -7.96
N LEU A 7 -6.17 -4.67 -8.88
CA LEU A 7 -4.88 -4.00 -8.74
C LEU A 7 -4.87 -3.22 -7.46
N GLU A 8 -6.02 -2.69 -7.12
CA GLU A 8 -6.13 -1.88 -5.92
C GLU A 8 -5.63 -2.67 -4.71
N ALA A 9 -5.94 -3.96 -4.72
CA ALA A 9 -5.49 -4.85 -3.66
C ALA A 9 -4.01 -5.14 -3.84
N LEU A 10 -3.58 -5.14 -5.10
CA LEU A 10 -2.19 -5.41 -5.46
C LEU A 10 -1.32 -4.21 -5.15
N ARG A 11 -1.81 -3.05 -5.51
CA ARG A 11 -1.09 -1.80 -5.30
C ARG A 11 -1.16 -1.41 -3.85
N ARG A 12 -2.24 -1.79 -3.18
CA ARG A 12 -2.39 -1.49 -1.77
C ARG A 12 -1.62 -2.51 -0.97
N GLN A 13 -1.53 -3.71 -1.50
CA GLN A 13 -0.80 -4.74 -0.81
C GLN A 13 0.67 -4.37 -0.75
N ARG A 14 1.22 -4.02 -1.90
CA ARG A 14 2.60 -3.60 -2.00
C ARG A 14 2.79 -2.17 -1.51
N LEU A 15 1.79 -1.33 -1.75
CA LEU A 15 1.86 0.08 -1.35
C LEU A 15 1.53 0.29 0.12
N ALA A 16 0.36 -0.15 0.54
CA ALA A 16 -0.06 0.00 1.94
C ALA A 16 0.93 -0.69 2.88
N GLU A 17 1.59 -1.73 2.39
CA GLU A 17 2.55 -2.48 3.20
C GLU A 17 3.67 -1.55 3.69
N LEU A 18 4.29 -0.83 2.76
CA LEU A 18 5.37 0.08 3.11
C LEU A 18 4.82 1.39 3.66
N GLN A 19 3.82 1.94 2.99
CA GLN A 19 3.21 3.20 3.41
C GLN A 19 2.68 3.09 4.84
N ALA A 20 2.42 1.87 5.29
CA ALA A 20 1.91 1.62 6.63
C ALA A 20 2.99 1.07 7.54
N LYS A 21 4.21 1.55 7.36
CA LYS A 21 5.34 1.12 8.17
C LYS A 21 5.72 2.18 9.19
N HIS A 22 6.37 3.24 8.72
CA HIS A 22 6.80 4.32 9.60
C HIS A 22 5.93 5.56 9.39
N GLY A 23 6.06 6.18 8.22
CA GLY A 23 5.29 7.36 7.91
C GLY A 23 6.11 8.43 7.22
N ASP A 24 5.42 9.40 6.62
CA ASP A 24 6.10 10.48 5.91
C ASP A 24 5.52 11.83 6.32
N PRO A 25 6.05 12.44 7.40
CA PRO A 25 5.58 13.74 7.89
C PRO A 25 5.57 14.80 6.79
N GLY A 26 6.51 14.69 5.87
CA GLY A 26 6.60 15.65 4.78
C GLY A 26 5.65 15.31 3.64
N ASP A 27 5.80 14.12 3.09
CA ASP A 27 4.95 13.67 1.98
C ASP A 27 3.64 13.08 2.50
N SER A 2 -13.01 -6.36 -12.32
CA SER A 2 -11.93 -6.06 -11.34
C SER A 2 -10.63 -5.71 -12.04
N ALA A 3 -10.63 -4.57 -12.71
CA ALA A 3 -9.46 -4.09 -13.41
C ALA A 3 -8.61 -3.27 -12.47
N ASP A 4 -9.22 -2.22 -11.94
CA ASP A 4 -8.58 -1.33 -10.99
C ASP A 4 -8.65 -1.95 -9.60
N GLU A 5 -9.78 -2.59 -9.34
CA GLU A 5 -10.03 -3.25 -8.07
C GLU A 5 -8.93 -4.25 -7.75
N GLU A 6 -8.70 -5.20 -8.65
CA GLU A 6 -7.68 -6.22 -8.46
C GLU A 6 -6.36 -5.55 -8.09
N LEU A 7 -5.94 -4.62 -8.94
CA LEU A 7 -4.72 -3.88 -8.70
C LEU A 7 -4.83 -3.16 -7.38
N GLU A 8 -6.04 -2.73 -7.08
CA GLU A 8 -6.26 -2.02 -5.84
C GLU A 8 -5.76 -2.83 -4.67
N ALA A 9 -5.97 -4.14 -4.74
CA ALA A 9 -5.50 -5.06 -3.71
C ALA A 9 -3.99 -5.24 -3.83
N LEU A 10 -3.51 -5.14 -5.07
CA LEU A 10 -2.09 -5.29 -5.37
C LEU A 10 -1.31 -4.04 -5.00
N ARG A 11 -1.78 -2.93 -5.53
CA ARG A 11 -1.17 -1.63 -5.29
C ARG A 11 -1.25 -1.27 -3.83
N ARG A 12 -2.32 -1.69 -3.16
CA ARG A 12 -2.45 -1.41 -1.75
C ARG A 12 -1.65 -2.42 -0.96
N GLN A 13 -1.51 -3.61 -1.52
CA GLN A 13 -0.74 -4.61 -0.84
C GLN A 13 0.72 -4.18 -0.77
N ARG A 14 1.25 -3.80 -1.92
CA ARG A 14 2.62 -3.33 -2.03
C ARG A 14 2.75 -1.90 -1.51
N LEU A 15 1.70 -1.09 -1.73
CA LEU A 15 1.73 0.32 -1.31
C LEU A 15 1.40 0.47 0.18
N ALA A 16 0.24 -0.02 0.60
CA ALA A 16 -0.16 0.09 2.00
C ALA A 16 0.86 -0.58 2.92
N GLU A 17 1.56 -1.58 2.41
CA GLU A 17 2.56 -2.30 3.19
C GLU A 17 3.64 -1.35 3.70
N LEU A 18 4.21 -0.57 2.79
CA LEU A 18 5.26 0.38 3.14
C LEU A 18 4.66 1.65 3.74
N GLN A 19 3.58 2.13 3.13
CA GLN A 19 2.91 3.34 3.61
C GLN A 19 2.46 3.18 5.06
N ALA A 20 2.29 1.93 5.50
CA ALA A 20 1.86 1.65 6.86
C ALA A 20 2.91 0.84 7.61
N LYS A 21 4.18 1.07 7.26
CA LYS A 21 5.28 0.36 7.90
C LYS A 21 6.06 1.28 8.83
N HIS A 22 5.37 2.28 9.38
CA HIS A 22 5.98 3.23 10.30
C HIS A 22 7.11 3.99 9.60
N GLY A 23 6.88 5.28 9.37
CA GLY A 23 7.90 6.09 8.71
C GLY A 23 9.20 6.14 9.48
N ASP A 24 10.18 5.36 9.04
CA ASP A 24 11.48 5.31 9.70
C ASP A 24 12.57 4.85 8.72
N PRO A 25 13.77 5.44 8.80
CA PRO A 25 14.88 5.08 7.92
C PRO A 25 15.16 3.57 7.91
N GLY A 26 14.81 2.92 6.80
CA GLY A 26 15.02 1.49 6.68
C GLY A 26 16.20 1.16 5.79
N ASP A 27 17.41 1.32 6.33
CA ASP A 27 18.62 1.03 5.57
C ASP A 27 19.70 0.45 6.48
N SER A 2 -12.73 -6.29 -12.07
CA SER A 2 -11.77 -5.85 -11.03
C SER A 2 -10.44 -5.41 -11.62
N ALA A 3 -10.52 -4.89 -12.84
CA ALA A 3 -9.33 -4.41 -13.55
C ALA A 3 -8.45 -3.58 -12.62
N ASP A 4 -8.97 -2.43 -12.22
CA ASP A 4 -8.26 -1.53 -11.33
C ASP A 4 -8.38 -2.02 -9.90
N GLU A 5 -9.57 -2.50 -9.56
CA GLU A 5 -9.86 -3.00 -8.23
C GLU A 5 -8.84 -4.05 -7.78
N GLU A 6 -8.69 -5.12 -8.58
CA GLU A 6 -7.74 -6.17 -8.26
C GLU A 6 -6.39 -5.58 -7.95
N LEU A 7 -5.88 -4.79 -8.90
CA LEU A 7 -4.61 -4.13 -8.75
C LEU A 7 -4.66 -3.27 -7.51
N GLU A 8 -5.82 -2.70 -7.27
CA GLU A 8 -6.00 -1.83 -6.13
C GLU A 8 -5.56 -2.55 -4.86
N ALA A 9 -5.88 -3.83 -4.79
CA ALA A 9 -5.48 -4.66 -3.66
C ALA A 9 -4.00 -4.97 -3.74
N LEU A 10 -3.51 -5.03 -4.98
CA LEU A 10 -2.11 -5.32 -5.26
C LEU A 10 -1.23 -4.12 -4.96
N ARG A 11 -1.70 -2.97 -5.39
CA ARG A 11 -1.00 -1.73 -5.20
C ARG A 11 -1.20 -1.24 -3.78
N ARG A 12 -2.32 -1.58 -3.17
CA ARG A 12 -2.58 -1.20 -1.81
C ARG A 12 -1.86 -2.15 -0.87
N GLN A 13 -1.76 -3.39 -1.31
CA GLN A 13 -1.07 -4.36 -0.50
C GLN A 13 0.40 -3.99 -0.40
N ARG A 14 1.00 -3.74 -1.55
CA ARG A 14 2.40 -3.34 -1.62
C ARG A 14 2.58 -1.88 -1.22
N LEU A 15 1.57 -1.06 -1.50
CA LEU A 15 1.64 0.36 -1.19
C LEU A 15 1.32 0.63 0.29
N ALA A 16 0.14 0.20 0.72
CA ALA A 16 -0.28 0.41 2.10
C ALA A 16 0.69 -0.26 3.08
N GLU A 17 1.34 -1.31 2.62
CA GLU A 17 2.28 -2.04 3.46
C GLU A 17 3.39 -1.11 3.96
N LEU A 18 4.02 -0.40 3.03
CA LEU A 18 5.09 0.53 3.38
C LEU A 18 4.53 1.78 4.04
N GLN A 19 3.44 2.29 3.48
CA GLN A 19 2.80 3.49 4.02
C GLN A 19 2.38 3.27 5.47
N ALA A 20 2.20 2.02 5.86
CA ALA A 20 1.80 1.68 7.22
C ALA A 20 3.00 1.28 8.07
N LYS A 21 3.62 0.16 7.71
CA LYS A 21 4.78 -0.33 8.43
C LYS A 21 5.92 0.68 8.39
N HIS A 22 6.00 1.43 7.30
CA HIS A 22 7.04 2.44 7.14
C HIS A 22 8.42 1.81 7.17
N GLY A 23 9.40 2.49 6.59
CA GLY A 23 10.75 1.97 6.56
C GLY A 23 11.67 2.69 7.54
N ASP A 24 12.93 2.87 7.14
CA ASP A 24 13.90 3.55 7.99
C ASP A 24 14.19 4.96 7.47
N PRO A 25 14.78 5.82 8.32
CA PRO A 25 15.11 7.20 7.94
C PRO A 25 16.25 7.26 6.93
N GLY A 26 15.90 7.55 5.68
CA GLY A 26 16.91 7.64 4.64
C GLY A 26 16.90 6.44 3.72
N ASP A 27 16.25 6.59 2.57
CA ASP A 27 16.17 5.49 1.59
C ASP A 27 15.51 5.97 0.31
N SER A 2 -12.75 -6.85 -11.50
CA SER A 2 -11.89 -6.10 -10.54
C SER A 2 -10.66 -5.54 -11.24
N ALA A 3 -10.86 -5.01 -12.43
CA ALA A 3 -9.76 -4.41 -13.19
C ALA A 3 -8.89 -3.54 -12.30
N ASP A 4 -9.48 -2.46 -11.81
CA ASP A 4 -8.79 -1.54 -10.93
C ASP A 4 -8.80 -2.06 -9.49
N GLU A 5 -9.92 -2.68 -9.13
CA GLU A 5 -10.11 -3.23 -7.80
C GLU A 5 -9.02 -4.23 -7.45
N GLU A 6 -8.86 -5.25 -8.29
CA GLU A 6 -7.84 -6.27 -8.06
C GLU A 6 -6.50 -5.62 -7.83
N LEU A 7 -6.10 -4.78 -8.79
CA LEU A 7 -4.86 -4.05 -8.68
C LEU A 7 -4.88 -3.22 -7.42
N GLU A 8 -6.06 -2.72 -7.09
CA GLU A 8 -6.21 -1.89 -5.92
C GLU A 8 -5.67 -2.62 -4.70
N ALA A 9 -5.89 -3.92 -4.66
CA ALA A 9 -5.38 -4.76 -3.57
C ALA A 9 -3.88 -4.93 -3.74
N LEU A 10 -3.45 -4.91 -5.00
CA LEU A 10 -2.06 -5.06 -5.37
C LEU A 10 -1.28 -3.79 -5.05
N ARG A 11 -1.92 -2.67 -5.29
CA ARG A 11 -1.33 -1.38 -5.04
C ARG A 11 -1.39 -1.06 -3.57
N ARG A 12 -2.41 -1.55 -2.90
CA ARG A 12 -2.54 -1.33 -1.48
C ARG A 12 -1.68 -2.34 -0.76
N GLN A 13 -1.53 -3.50 -1.35
CA GLN A 13 -0.71 -4.53 -0.74
C GLN A 13 0.73 -4.04 -0.69
N ARG A 14 1.22 -3.60 -1.85
CA ARG A 14 2.58 -3.08 -1.97
C ARG A 14 2.68 -1.67 -1.39
N LEU A 15 1.61 -0.89 -1.55
CA LEU A 15 1.60 0.49 -1.07
C LEU A 15 1.32 0.58 0.42
N ALA A 16 0.19 0.03 0.86
CA ALA A 16 -0.18 0.06 2.27
C ALA A 16 0.89 -0.61 3.14
N GLU A 17 1.60 -1.56 2.57
CA GLU A 17 2.64 -2.28 3.29
C GLU A 17 3.71 -1.32 3.80
N LEU A 18 4.23 -0.48 2.91
CA LEU A 18 5.26 0.48 3.27
C LEU A 18 4.64 1.71 3.95
N GLN A 19 3.54 2.18 3.39
CA GLN A 19 2.85 3.35 3.93
C GLN A 19 2.45 3.11 5.39
N ALA A 20 2.32 1.85 5.77
CA ALA A 20 1.94 1.50 7.14
C ALA A 20 3.16 1.43 8.04
N LYS A 21 4.26 0.89 7.51
CA LYS A 21 5.50 0.78 8.28
C LYS A 21 6.54 1.79 7.81
N HIS A 22 6.05 2.93 7.31
CA HIS A 22 6.93 3.98 6.83
C HIS A 22 7.80 3.49 5.69
N GLY A 23 7.54 3.98 4.49
CA GLY A 23 8.31 3.57 3.33
C GLY A 23 7.83 4.23 2.05
N ASP A 24 8.75 4.86 1.32
CA ASP A 24 8.41 5.53 0.07
C ASP A 24 9.66 6.12 -0.58
N PRO A 25 10.32 7.07 0.10
CA PRO A 25 11.53 7.72 -0.42
C PRO A 25 12.74 6.79 -0.42
N GLY A 26 13.34 6.62 -1.59
CA GLY A 26 14.50 5.75 -1.71
C GLY A 26 15.59 6.34 -2.58
N ASP A 27 15.41 6.26 -3.89
CA ASP A 27 16.38 6.79 -4.84
C ASP A 27 16.53 8.30 -4.67
N SER A 2 -13.15 -6.70 -11.79
CA SER A 2 -12.04 -6.31 -10.87
C SER A 2 -10.77 -6.01 -11.64
N ALA A 3 -10.81 -4.92 -12.39
CA ALA A 3 -9.66 -4.48 -13.17
C ALA A 3 -8.78 -3.59 -12.31
N ASP A 4 -9.39 -2.51 -11.84
CA ASP A 4 -8.71 -1.55 -10.98
C ASP A 4 -8.73 -2.08 -9.54
N GLU A 5 -9.84 -2.71 -9.20
CA GLU A 5 -10.04 -3.27 -7.87
C GLU A 5 -8.92 -4.26 -7.52
N GLU A 6 -8.73 -5.25 -8.38
CA GLU A 6 -7.68 -6.25 -8.14
C GLU A 6 -6.36 -5.56 -7.87
N LEU A 7 -5.98 -4.68 -8.80
CA LEU A 7 -4.76 -3.92 -8.65
C LEU A 7 -4.82 -3.12 -7.38
N GLU A 8 -6.03 -2.67 -7.06
CA GLU A 8 -6.23 -1.86 -5.87
C GLU A 8 -5.68 -2.59 -4.66
N ALA A 9 -5.86 -3.92 -4.65
CA ALA A 9 -5.35 -4.74 -3.57
C ALA A 9 -3.84 -4.89 -3.73
N LEU A 10 -3.40 -4.85 -4.98
CA LEU A 10 -2.00 -4.97 -5.33
C LEU A 10 -1.24 -3.71 -4.99
N ARG A 11 -1.87 -2.59 -5.28
CA ARG A 11 -1.29 -1.28 -5.03
C ARG A 11 -1.38 -0.96 -3.56
N ARG A 12 -2.40 -1.45 -2.89
CA ARG A 12 -2.54 -1.23 -1.47
C ARG A 12 -1.67 -2.21 -0.73
N GLN A 13 -1.52 -3.39 -1.31
CA GLN A 13 -0.70 -4.39 -0.69
C GLN A 13 0.75 -3.90 -0.65
N ARG A 14 1.23 -3.46 -1.80
CA ARG A 14 2.59 -2.94 -1.92
C ARG A 14 2.68 -1.53 -1.36
N LEU A 15 1.61 -0.75 -1.52
CA LEU A 15 1.58 0.63 -1.06
C LEU A 15 1.30 0.73 0.44
N ALA A 16 0.18 0.18 0.87
CA ALA A 16 -0.19 0.23 2.29
C ALA A 16 0.88 -0.43 3.16
N GLU A 17 1.59 -1.38 2.59
CA GLU A 17 2.65 -2.10 3.32
C GLU A 17 3.70 -1.12 3.82
N LEU A 18 4.23 -0.29 2.92
CA LEU A 18 5.25 0.69 3.28
C LEU A 18 4.63 1.91 3.94
N GLN A 19 3.51 2.36 3.39
CA GLN A 19 2.82 3.53 3.93
C GLN A 19 2.43 3.30 5.39
N ALA A 20 2.31 2.04 5.79
CA ALA A 20 1.95 1.69 7.15
C ALA A 20 3.17 1.76 8.07
N LYS A 21 4.33 1.46 7.52
CA LYS A 21 5.57 1.47 8.30
C LYS A 21 5.88 2.88 8.80
N HIS A 22 6.32 3.74 7.89
CA HIS A 22 6.66 5.11 8.24
C HIS A 22 5.47 6.04 8.02
N GLY A 23 5.31 7.01 8.91
CA GLY A 23 4.20 7.95 8.79
C GLY A 23 4.56 9.33 9.26
N ASP A 24 3.55 10.16 9.51
CA ASP A 24 3.77 11.52 9.97
C ASP A 24 4.14 11.56 11.45
N PRO A 25 3.32 10.93 12.32
CA PRO A 25 3.56 10.89 13.76
C PRO A 25 5.02 10.56 14.08
N GLY A 26 5.60 11.31 15.01
CA GLY A 26 6.98 11.08 15.40
C GLY A 26 7.74 12.38 15.63
N ASP A 27 7.15 13.28 16.40
CA ASP A 27 7.78 14.56 16.70
C ASP A 27 7.27 15.13 18.02
N SER A 2 -12.65 -6.66 -11.80
CA SER A 2 -11.80 -5.94 -10.81
C SER A 2 -10.51 -5.45 -11.45
N ALA A 3 -10.63 -4.92 -12.66
CA ALA A 3 -9.47 -4.39 -13.38
C ALA A 3 -8.60 -3.56 -12.45
N ASP A 4 -9.16 -2.43 -12.01
CA ASP A 4 -8.47 -1.53 -11.11
C ASP A 4 -8.57 -2.03 -9.68
N GLU A 5 -9.73 -2.59 -9.35
CA GLU A 5 -10.00 -3.11 -8.02
C GLU A 5 -8.97 -4.17 -7.61
N GLU A 6 -8.83 -5.21 -8.43
CA GLU A 6 -7.87 -6.28 -8.14
C GLU A 6 -6.51 -5.68 -7.87
N LEU A 7 -6.03 -4.88 -8.81
CA LEU A 7 -4.76 -4.20 -8.67
C LEU A 7 -4.80 -3.36 -7.43
N GLU A 8 -5.96 -2.81 -7.15
CA GLU A 8 -6.12 -1.95 -5.99
C GLU A 8 -5.65 -2.68 -4.75
N ALA A 9 -5.95 -3.97 -4.69
CA ALA A 9 -5.53 -4.82 -3.58
C ALA A 9 -4.05 -5.10 -3.69
N LEU A 10 -3.57 -5.14 -4.94
CA LEU A 10 -2.18 -5.41 -5.24
C LEU A 10 -1.30 -4.20 -4.96
N ARG A 11 -1.80 -3.05 -5.38
CA ARG A 11 -1.10 -1.81 -5.20
C ARG A 11 -1.23 -1.35 -3.77
N ARG A 12 -2.33 -1.70 -3.13
CA ARG A 12 -2.52 -1.35 -1.73
C ARG A 12 -1.77 -2.32 -0.87
N GLN A 13 -1.65 -3.55 -1.34
CA GLN A 13 -0.94 -4.55 -0.59
C GLN A 13 0.53 -4.17 -0.51
N ARG A 14 1.11 -3.89 -1.67
CA ARG A 14 2.51 -3.48 -1.75
C ARG A 14 2.68 -2.03 -1.32
N LEU A 15 1.66 -1.20 -1.57
CA LEU A 15 1.72 0.21 -1.22
C LEU A 15 1.42 0.45 0.25
N ALA A 16 0.26 0.00 0.71
CA ALA A 16 -0.14 0.19 2.09
C ALA A 16 0.85 -0.49 3.04
N GLU A 17 1.49 -1.54 2.56
CA GLU A 17 2.46 -2.29 3.37
C GLU A 17 3.57 -1.36 3.87
N LEU A 18 4.17 -0.63 2.96
CA LEU A 18 5.24 0.30 3.32
C LEU A 18 4.68 1.55 4.00
N GLN A 19 3.59 2.06 3.46
CA GLN A 19 2.95 3.24 4.03
C GLN A 19 2.53 3.01 5.48
N ALA A 20 2.37 1.74 5.84
CA ALA A 20 1.98 1.38 7.20
C ALA A 20 3.16 1.49 8.15
N LYS A 21 4.35 1.25 7.64
CA LYS A 21 5.57 1.31 8.45
C LYS A 21 5.88 2.76 8.83
N HIS A 22 6.36 3.53 7.86
CA HIS A 22 6.70 4.92 8.10
C HIS A 22 5.49 5.72 8.55
N GLY A 23 5.65 7.02 8.73
CA GLY A 23 4.55 7.87 9.16
C GLY A 23 4.68 9.29 8.64
N ASP A 24 5.84 9.90 8.91
CA ASP A 24 6.08 11.27 8.47
C ASP A 24 7.48 11.41 7.88
N PRO A 25 7.62 11.14 6.57
CA PRO A 25 8.92 11.24 5.88
C PRO A 25 9.40 12.68 5.75
N GLY A 26 8.44 13.61 5.66
CA GLY A 26 8.78 15.01 5.52
C GLY A 26 9.21 15.36 4.11
N ASP A 27 8.29 15.20 3.15
CA ASP A 27 8.58 15.50 1.76
C ASP A 27 7.89 16.80 1.33
N SER A 2 -12.70 -6.65 -11.81
CA SER A 2 -11.84 -5.92 -10.83
C SER A 2 -10.57 -5.40 -11.48
N ALA A 3 -10.72 -4.85 -12.68
CA ALA A 3 -9.59 -4.30 -13.41
C ALA A 3 -8.73 -3.44 -12.49
N ASP A 4 -9.30 -2.35 -12.02
CA ASP A 4 -8.61 -1.43 -11.12
C ASP A 4 -8.68 -1.97 -9.69
N GLU A 5 -9.83 -2.55 -9.36
CA GLU A 5 -10.06 -3.10 -8.04
C GLU A 5 -9.00 -4.13 -7.65
N GLU A 6 -8.85 -5.16 -8.48
CA GLU A 6 -7.87 -6.20 -8.22
C GLU A 6 -6.52 -5.58 -7.96
N LEU A 7 -6.07 -4.75 -8.90
CA LEU A 7 -4.81 -4.06 -8.76
C LEU A 7 -4.84 -3.23 -7.51
N GLU A 8 -6.02 -2.70 -7.21
CA GLU A 8 -6.18 -1.87 -6.04
C GLU A 8 -5.68 -2.60 -4.81
N ALA A 9 -5.95 -3.90 -4.76
CA ALA A 9 -5.50 -4.74 -3.66
C ALA A 9 -4.00 -4.99 -3.81
N LEU A 10 -3.55 -5.02 -5.06
CA LEU A 10 -2.15 -5.25 -5.39
C LEU A 10 -1.30 -4.03 -5.10
N ARG A 11 -1.84 -2.88 -5.49
CA ARG A 11 -1.17 -1.61 -5.30
C ARG A 11 -1.29 -1.18 -3.87
N ARG A 12 -2.38 -1.56 -3.21
CA ARG A 12 -2.57 -1.23 -1.81
C ARG A 12 -1.79 -2.19 -0.96
N GLN A 13 -1.66 -3.41 -1.45
CA GLN A 13 -0.93 -4.40 -0.70
C GLN A 13 0.55 -4.00 -0.65
N ARG A 14 1.10 -3.69 -1.82
CA ARG A 14 2.49 -3.27 -1.91
C ARG A 14 2.65 -1.81 -1.47
N LEU A 15 1.61 -1.02 -1.70
CA LEU A 15 1.66 0.40 -1.34
C LEU A 15 1.38 0.63 0.14
N ALA A 16 0.23 0.16 0.61
CA ALA A 16 -0.15 0.32 2.01
C ALA A 16 0.87 -0.36 2.93
N GLU A 17 1.52 -1.40 2.43
CA GLU A 17 2.53 -2.12 3.22
C GLU A 17 3.62 -1.19 3.70
N LEU A 18 4.21 -0.43 2.76
CA LEU A 18 5.28 0.51 3.10
C LEU A 18 4.73 1.68 3.90
N GLN A 19 3.62 2.24 3.44
CA GLN A 19 3.00 3.37 4.12
C GLN A 19 2.63 3.01 5.56
N ALA A 20 2.49 1.72 5.82
CA ALA A 20 2.15 1.26 7.16
C ALA A 20 3.34 0.59 7.84
N LYS A 21 4.54 1.07 7.51
CA LYS A 21 5.76 0.53 8.10
C LYS A 21 6.03 1.16 9.46
N HIS A 22 6.32 2.46 9.46
CA HIS A 22 6.61 3.17 10.70
C HIS A 22 5.33 3.44 11.48
N GLY A 23 5.47 3.67 12.78
CA GLY A 23 4.30 3.94 13.62
C GLY A 23 4.55 3.61 15.08
N ASP A 24 4.32 4.58 15.95
CA ASP A 24 4.52 4.38 17.38
C ASP A 24 3.73 5.42 18.18
N PRO A 25 2.44 5.15 18.44
CA PRO A 25 1.58 6.07 19.21
C PRO A 25 1.96 6.12 20.68
N GLY A 26 2.42 4.99 21.21
CA GLY A 26 2.80 4.94 22.60
C GLY A 26 3.76 3.79 22.90
N ASP A 27 5.06 4.06 22.80
CA ASP A 27 6.06 3.04 23.05
C ASP A 27 7.40 3.68 23.44
N SER A 2 -12.67 -6.90 -11.78
CA SER A 2 -11.82 -6.14 -10.82
C SER A 2 -10.55 -5.65 -11.50
N ALA A 3 -10.69 -5.15 -12.72
CA ALA A 3 -9.56 -4.61 -13.46
C ALA A 3 -8.69 -3.74 -12.57
N ASP A 4 -9.26 -2.62 -12.15
CA ASP A 4 -8.57 -1.69 -11.27
C ASP A 4 -8.65 -2.15 -9.83
N GLU A 5 -9.79 -2.72 -9.48
CA GLU A 5 -10.03 -3.22 -8.13
C GLU A 5 -8.98 -4.24 -7.71
N GLU A 6 -8.84 -5.30 -8.50
CA GLU A 6 -7.85 -6.33 -8.21
C GLU A 6 -6.50 -5.71 -7.96
N LEU A 7 -6.05 -4.92 -8.92
CA LEU A 7 -4.79 -4.22 -8.81
C LEU A 7 -4.83 -3.35 -7.59
N GLU A 8 -6.00 -2.81 -7.32
CA GLU A 8 -6.16 -1.92 -6.17
C GLU A 8 -5.68 -2.63 -4.92
N ALA A 9 -5.93 -3.92 -4.83
CA ALA A 9 -5.48 -4.72 -3.70
C ALA A 9 -3.99 -4.93 -3.82
N LEU A 10 -3.52 -4.99 -5.06
CA LEU A 10 -2.11 -5.18 -5.37
C LEU A 10 -1.32 -3.92 -5.08
N ARG A 11 -1.92 -2.79 -5.38
CA ARG A 11 -1.30 -1.50 -5.16
C ARG A 11 -1.39 -1.14 -3.71
N ARG A 12 -2.45 -1.57 -3.04
CA ARG A 12 -2.61 -1.30 -1.64
C ARG A 12 -1.80 -2.30 -0.85
N GLN A 13 -1.67 -3.50 -1.40
CA GLN A 13 -0.91 -4.52 -0.73
C GLN A 13 0.55 -4.08 -0.67
N ARG A 14 1.08 -3.69 -1.83
CA ARG A 14 2.45 -3.23 -1.93
C ARG A 14 2.58 -1.80 -1.40
N LEU A 15 1.55 -0.99 -1.61
CA LEU A 15 1.58 0.41 -1.18
C LEU A 15 1.27 0.56 0.31
N ALA A 16 0.11 0.06 0.73
CA ALA A 16 -0.28 0.16 2.14
C ALA A 16 0.73 -0.52 3.05
N GLU A 17 1.42 -1.52 2.52
CA GLU A 17 2.44 -2.24 3.30
C GLU A 17 3.52 -1.30 3.80
N LEU A 18 4.09 -0.51 2.89
CA LEU A 18 5.14 0.43 3.23
C LEU A 18 4.55 1.70 3.85
N GLN A 19 3.47 2.18 3.26
CA GLN A 19 2.81 3.39 3.76
C GLN A 19 2.38 3.22 5.21
N ALA A 20 2.21 1.97 5.64
CA ALA A 20 1.79 1.68 7.00
C ALA A 20 2.99 1.31 7.87
N LYS A 21 4.13 1.97 7.62
CA LYS A 21 5.34 1.71 8.38
C LYS A 21 5.37 2.52 9.67
N HIS A 22 5.45 3.84 9.54
CA HIS A 22 5.47 4.73 10.69
C HIS A 22 4.14 5.43 10.86
N GLY A 23 4.06 6.30 11.86
CA GLY A 23 2.85 7.05 12.11
C GLY A 23 2.57 7.23 13.60
N ASP A 24 3.61 7.62 14.34
CA ASP A 24 3.48 7.83 15.77
C ASP A 24 4.45 8.91 16.25
N PRO A 25 4.22 9.48 17.45
CA PRO A 25 5.08 10.53 18.01
C PRO A 25 6.44 9.98 18.43
N GLY A 26 7.40 10.04 17.53
CA GLY A 26 8.73 9.55 17.82
C GLY A 26 9.77 10.08 16.86
N ASP A 27 9.44 10.05 15.57
CA ASP A 27 10.36 10.53 14.54
C ASP A 27 10.65 12.02 14.71
N SER A 2 -12.97 -6.60 -12.12
CA SER A 2 -11.86 -6.22 -11.19
C SER A 2 -10.58 -5.94 -11.94
N ALA A 3 -10.60 -4.85 -12.69
CA ALA A 3 -9.44 -4.42 -13.45
C ALA A 3 -8.56 -3.54 -12.58
N ASP A 4 -9.15 -2.45 -12.12
CA ASP A 4 -8.48 -1.50 -11.24
C ASP A 4 -8.52 -2.03 -9.81
N GLU A 5 -9.65 -2.65 -9.48
CA GLU A 5 -9.87 -3.22 -8.16
C GLU A 5 -8.76 -4.21 -7.80
N GLU A 6 -8.57 -5.21 -8.64
CA GLU A 6 -7.54 -6.22 -8.41
C GLU A 6 -6.22 -5.53 -8.11
N LEU A 7 -5.81 -4.67 -9.03
CA LEU A 7 -4.58 -3.92 -8.87
C LEU A 7 -4.66 -3.12 -7.59
N GLU A 8 -5.86 -2.66 -7.29
CA GLU A 8 -6.07 -1.85 -6.11
C GLU A 8 -5.54 -2.59 -4.89
N ALA A 9 -5.75 -3.90 -4.88
CA ALA A 9 -5.26 -4.74 -3.81
C ALA A 9 -3.76 -4.91 -3.93
N LEU A 10 -3.30 -4.90 -5.19
CA LEU A 10 -1.89 -5.05 -5.52
C LEU A 10 -1.11 -3.80 -5.17
N ARG A 11 -1.69 -2.67 -5.50
CA ARG A 11 -1.09 -1.38 -5.25
C ARG A 11 -1.26 -1.01 -3.80
N ARG A 12 -2.33 -1.48 -3.19
CA ARG A 12 -2.56 -1.20 -1.79
C ARG A 12 -1.76 -2.16 -0.95
N GLN A 13 -1.55 -3.35 -1.48
CA GLN A 13 -0.78 -4.33 -0.76
C GLN A 13 0.65 -3.85 -0.63
N ARG A 14 1.22 -3.45 -1.77
CA ARG A 14 2.58 -2.95 -1.82
C ARG A 14 2.64 -1.50 -1.31
N LEU A 15 1.59 -0.74 -1.56
CA LEU A 15 1.53 0.66 -1.15
C LEU A 15 1.18 0.82 0.33
N ALA A 16 0.04 0.29 0.73
CA ALA A 16 -0.40 0.40 2.12
C ALA A 16 0.68 -0.06 3.10
N GLU A 17 1.22 -1.25 2.84
CA GLU A 17 2.27 -1.80 3.70
C GLU A 17 3.48 -0.87 3.76
N LEU A 18 3.99 -0.49 2.58
CA LEU A 18 5.14 0.38 2.50
C LEU A 18 4.84 1.74 3.16
N GLN A 19 3.71 2.33 2.79
CA GLN A 19 3.31 3.61 3.36
C GLN A 19 3.13 3.52 4.87
N ALA A 20 2.96 2.30 5.36
CA ALA A 20 2.78 2.07 6.79
C ALA A 20 4.12 2.07 7.52
N LYS A 21 5.09 1.37 6.95
CA LYS A 21 6.43 1.28 7.54
C LYS A 21 7.07 2.66 7.64
N HIS A 22 6.81 3.51 6.65
CA HIS A 22 7.35 4.85 6.63
C HIS A 22 6.28 5.88 6.95
N GLY A 23 6.69 6.98 7.59
CA GLY A 23 5.74 8.02 7.94
C GLY A 23 6.29 9.41 7.66
N ASP A 24 5.40 10.35 7.36
CA ASP A 24 5.79 11.72 7.08
C ASP A 24 6.69 11.78 5.85
N PRO A 25 6.64 12.90 5.09
CA PRO A 25 7.44 13.08 3.88
C PRO A 25 8.93 12.84 4.15
N GLY A 26 9.35 13.10 5.38
CA GLY A 26 10.75 12.91 5.74
C GLY A 26 11.54 14.21 5.70
N ASP A 27 10.86 15.32 5.98
CA ASP A 27 11.52 16.62 5.99
C ASP A 27 11.73 17.12 7.41
N SER A 2 -12.99 -6.23 -12.30
CA SER A 2 -11.92 -5.92 -11.31
C SER A 2 -10.58 -5.70 -12.00
N ALA A 3 -10.51 -4.61 -12.74
CA ALA A 3 -9.29 -4.25 -13.43
C ALA A 3 -8.42 -3.41 -12.52
N ASP A 4 -8.98 -2.29 -12.08
CA ASP A 4 -8.31 -1.38 -11.17
C ASP A 4 -8.45 -1.91 -9.75
N GLU A 5 -9.61 -2.47 -9.48
CA GLU A 5 -9.93 -3.02 -8.18
C GLU A 5 -8.90 -4.06 -7.75
N GLU A 6 -8.72 -5.08 -8.60
CA GLU A 6 -7.75 -6.14 -8.31
C GLU A 6 -6.41 -5.53 -7.95
N LEU A 7 -5.91 -4.69 -8.84
CA LEU A 7 -4.66 -4.00 -8.63
C LEU A 7 -4.77 -3.19 -7.36
N GLU A 8 -5.94 -2.67 -7.12
CA GLU A 8 -6.17 -1.85 -5.94
C GLU A 8 -5.74 -2.63 -4.69
N ALA A 9 -6.02 -3.93 -4.70
CA ALA A 9 -5.64 -4.79 -3.59
C ALA A 9 -4.14 -5.06 -3.66
N LEU A 10 -3.62 -5.07 -4.89
CA LEU A 10 -2.21 -5.33 -5.13
C LEU A 10 -1.36 -4.11 -4.83
N ARG A 11 -1.75 -3.01 -5.42
CA ARG A 11 -1.07 -1.74 -5.26
C ARG A 11 -1.20 -1.26 -3.84
N ARG A 12 -2.30 -1.58 -3.19
CA ARG A 12 -2.50 -1.19 -1.81
C ARG A 12 -1.77 -2.15 -0.91
N GLN A 13 -1.67 -3.39 -1.36
CA GLN A 13 -0.98 -4.37 -0.58
C GLN A 13 0.50 -4.02 -0.52
N ARG A 14 1.07 -3.77 -1.69
CA ARG A 14 2.47 -3.37 -1.79
C ARG A 14 2.66 -1.91 -1.40
N LEU A 15 1.65 -1.08 -1.65
CA LEU A 15 1.74 0.33 -1.33
C LEU A 15 1.46 0.61 0.14
N ALA A 16 0.29 0.18 0.61
CA ALA A 16 -0.08 0.39 2.01
C ALA A 16 0.91 -0.28 2.95
N GLU A 17 1.54 -1.34 2.49
CA GLU A 17 2.51 -2.07 3.29
C GLU A 17 3.64 -1.16 3.76
N LEU A 18 4.24 -0.45 2.80
CA LEU A 18 5.33 0.47 3.11
C LEU A 18 4.82 1.68 3.89
N GLN A 19 3.73 2.26 3.41
CA GLN A 19 3.13 3.42 4.04
C GLN A 19 2.75 3.12 5.49
N ALA A 20 2.58 1.84 5.80
CA ALA A 20 2.21 1.41 7.15
C ALA A 20 3.44 0.97 7.93
N LYS A 21 4.56 1.64 7.71
CA LYS A 21 5.81 1.32 8.40
C LYS A 21 6.03 2.25 9.58
N HIS A 22 5.56 3.49 9.45
CA HIS A 22 5.72 4.48 10.51
C HIS A 22 4.51 4.46 11.44
N GLY A 23 3.35 4.14 10.90
CA GLY A 23 2.13 4.09 11.69
C GLY A 23 2.23 3.10 12.83
N ASP A 24 1.34 3.24 13.81
CA ASP A 24 1.32 2.35 14.97
C ASP A 24 1.09 0.90 14.54
N PRO A 25 -0.06 0.62 13.90
CA PRO A 25 -0.40 -0.72 13.43
C PRO A 25 0.43 -1.15 12.23
N GLY A 26 1.25 -2.18 12.41
CA GLY A 26 2.08 -2.66 11.33
C GLY A 26 2.83 -3.94 11.71
N ASP A 27 2.19 -4.78 12.51
CA ASP A 27 2.80 -6.03 12.94
C ASP A 27 3.10 -6.93 11.74
N SER A 2 -12.66 -6.91 -12.02
CA SER A 2 -11.83 -6.17 -11.04
C SER A 2 -10.54 -5.69 -11.66
N ALA A 3 -10.64 -5.19 -12.89
CA ALA A 3 -9.47 -4.68 -13.60
C ALA A 3 -8.61 -3.81 -12.69
N ASP A 4 -9.18 -2.69 -12.28
CA ASP A 4 -8.51 -1.75 -11.39
C ASP A 4 -8.63 -2.23 -9.95
N GLU A 5 -9.80 -2.78 -9.63
CA GLU A 5 -10.09 -3.27 -8.29
C GLU A 5 -9.06 -4.30 -7.84
N GLU A 6 -8.91 -5.37 -8.62
CA GLU A 6 -7.94 -6.42 -8.30
C GLU A 6 -6.59 -5.81 -8.02
N LEU A 7 -6.10 -5.03 -8.96
CA LEU A 7 -4.84 -4.35 -8.81
C LEU A 7 -4.90 -3.47 -7.59
N GLU A 8 -6.07 -2.92 -7.36
CA GLU A 8 -6.25 -2.03 -6.23
C GLU A 8 -5.80 -2.72 -4.94
N ALA A 9 -6.10 -4.01 -4.86
CA ALA A 9 -5.69 -4.81 -3.71
C ALA A 9 -4.17 -4.98 -3.75
N LEU A 10 -3.66 -5.00 -4.98
CA LEU A 10 -2.23 -5.14 -5.23
C LEU A 10 -1.51 -3.83 -4.99
N ARG A 11 -2.16 -2.75 -5.34
CA ARG A 11 -1.60 -1.42 -5.17
C ARG A 11 -1.59 -1.07 -3.70
N ARG A 12 -2.60 -1.50 -2.98
CA ARG A 12 -2.68 -1.25 -1.56
C ARG A 12 -1.81 -2.25 -0.85
N GLN A 13 -1.70 -3.43 -1.42
CA GLN A 13 -0.89 -4.45 -0.80
C GLN A 13 0.57 -4.00 -0.82
N ARG A 14 1.02 -3.60 -2.00
CA ARG A 14 2.39 -3.12 -2.17
C ARG A 14 2.53 -1.70 -1.64
N LEU A 15 1.48 -0.89 -1.78
CA LEU A 15 1.52 0.50 -1.35
C LEU A 15 1.29 0.64 0.15
N ALA A 16 0.16 0.12 0.64
CA ALA A 16 -0.16 0.21 2.06
C ALA A 16 0.92 -0.47 2.92
N GLU A 17 1.60 -1.45 2.34
CA GLU A 17 2.65 -2.17 3.05
C GLU A 17 3.75 -1.22 3.50
N LEU A 18 4.26 -0.43 2.56
CA LEU A 18 5.33 0.52 2.86
C LEU A 18 4.76 1.78 3.51
N GLN A 19 3.69 2.30 2.93
CA GLN A 19 3.04 3.50 3.45
C GLN A 19 2.62 3.32 4.90
N ALA A 20 2.45 2.06 5.30
CA ALA A 20 2.05 1.76 6.68
C ALA A 20 3.20 1.14 7.47
N LYS A 21 4.42 1.55 7.13
CA LYS A 21 5.61 1.06 7.80
C LYS A 21 5.86 1.82 9.10
N HIS A 22 6.17 3.11 8.98
CA HIS A 22 6.44 3.94 10.15
C HIS A 22 5.68 5.26 10.04
N GLY A 23 4.52 5.22 9.40
CA GLY A 23 3.72 6.43 9.25
C GLY A 23 4.45 7.52 8.50
N ASP A 24 5.08 8.43 9.24
CA ASP A 24 5.82 9.53 8.65
C ASP A 24 7.31 9.41 8.95
N PRO A 25 8.05 8.67 8.11
CA PRO A 25 9.50 8.48 8.29
C PRO A 25 10.24 9.80 8.46
N GLY A 26 9.69 10.86 7.87
CA GLY A 26 10.32 12.17 7.97
C GLY A 26 9.99 12.87 9.26
N ASP A 27 10.34 12.25 10.38
CA ASP A 27 10.08 12.82 11.69
C ASP A 27 11.35 13.41 12.30
N SER A 2 -13.16 -6.48 -12.07
CA SER A 2 -12.06 -6.15 -11.12
C SER A 2 -10.76 -5.92 -11.86
N ALA A 3 -10.71 -4.83 -12.61
CA ALA A 3 -9.53 -4.46 -13.36
C ALA A 3 -8.63 -3.61 -12.48
N ASP A 4 -9.18 -2.49 -12.03
CA ASP A 4 -8.48 -1.57 -11.15
C ASP A 4 -8.56 -2.09 -9.72
N GLU A 5 -9.71 -2.65 -9.40
CA GLU A 5 -9.97 -3.22 -8.08
C GLU A 5 -8.92 -4.24 -7.70
N GLU A 6 -8.75 -5.25 -8.54
CA GLU A 6 -7.77 -6.30 -8.28
C GLU A 6 -6.42 -5.68 -7.99
N LEU A 7 -5.97 -4.84 -8.90
CA LEU A 7 -4.71 -4.14 -8.73
C LEU A 7 -4.77 -3.33 -7.46
N GLU A 8 -5.95 -2.82 -7.17
CA GLU A 8 -6.13 -1.99 -5.99
C GLU A 8 -5.66 -2.76 -4.77
N ALA A 9 -5.92 -4.05 -4.75
CA ALA A 9 -5.48 -4.91 -3.67
C ALA A 9 -3.98 -5.15 -3.78
N LEU A 10 -3.50 -5.15 -5.02
CA LEU A 10 -2.10 -5.37 -5.33
C LEU A 10 -1.27 -4.13 -5.01
N ARG A 11 -1.77 -3.01 -5.47
CA ARG A 11 -1.11 -1.73 -5.26
C ARG A 11 -1.23 -1.32 -3.82
N ARG A 12 -2.29 -1.73 -3.16
CA ARG A 12 -2.47 -1.41 -1.76
C ARG A 12 -1.67 -2.38 -0.92
N GLN A 13 -1.50 -3.59 -1.44
CA GLN A 13 -0.73 -4.57 -0.72
C GLN A 13 0.72 -4.11 -0.66
N ARG A 14 1.26 -3.78 -1.81
CA ARG A 14 2.64 -3.30 -1.92
C ARG A 14 2.75 -1.85 -1.46
N LEU A 15 1.70 -1.07 -1.68
CA LEU A 15 1.69 0.34 -1.31
C LEU A 15 1.39 0.55 0.17
N ALA A 16 0.25 0.04 0.63
CA ALA A 16 -0.14 0.17 2.02
C ALA A 16 0.89 -0.47 2.95
N GLU A 17 1.58 -1.49 2.45
CA GLU A 17 2.58 -2.19 3.24
C GLU A 17 3.64 -1.22 3.75
N LEU A 18 4.21 -0.43 2.85
CA LEU A 18 5.23 0.54 3.22
C LEU A 18 4.62 1.73 3.93
N GLN A 19 3.49 2.21 3.40
CA GLN A 19 2.80 3.34 4.00
C GLN A 19 2.40 3.06 5.45
N ALA A 20 2.30 1.77 5.78
CA ALA A 20 1.94 1.37 7.14
C ALA A 20 3.14 0.85 7.90
N LYS A 21 4.31 1.42 7.63
CA LYS A 21 5.54 1.02 8.29
C LYS A 21 6.29 2.23 8.86
N HIS A 22 5.54 3.26 9.22
CA HIS A 22 6.13 4.46 9.78
C HIS A 22 5.88 4.55 11.28
N GLY A 23 6.88 5.04 12.01
CA GLY A 23 6.75 5.17 13.45
C GLY A 23 7.57 6.30 14.02
N ASP A 24 8.88 6.25 13.77
CA ASP A 24 9.78 7.29 14.26
C ASP A 24 10.73 7.74 13.15
N PRO A 25 10.31 8.72 12.35
CA PRO A 25 11.13 9.25 11.24
C PRO A 25 12.52 9.66 11.72
N GLY A 26 12.60 10.25 12.91
CA GLY A 26 13.87 10.68 13.44
C GLY A 26 14.51 9.63 14.32
N ASP A 27 14.57 8.40 13.82
CA ASP A 27 15.17 7.30 14.57
C ASP A 27 15.65 6.20 13.63
N SER A 2 -13.16 -6.21 -12.28
CA SER A 2 -12.10 -5.91 -11.31
C SER A 2 -10.76 -5.65 -11.98
N ALA A 3 -10.70 -4.55 -12.71
CA ALA A 3 -9.48 -4.15 -13.40
C ALA A 3 -8.62 -3.33 -12.47
N ASP A 4 -9.18 -2.23 -12.01
CA ASP A 4 -8.51 -1.34 -11.08
C ASP A 4 -8.63 -1.90 -9.67
N GLU A 5 -9.80 -2.48 -9.40
CA GLU A 5 -10.11 -3.07 -8.11
C GLU A 5 -9.06 -4.11 -7.72
N GLU A 6 -8.87 -5.10 -8.59
CA GLU A 6 -7.90 -6.16 -8.34
C GLU A 6 -6.56 -5.54 -7.98
N LEU A 7 -6.07 -4.68 -8.85
CA LEU A 7 -4.84 -3.98 -8.61
C LEU A 7 -4.92 -3.21 -7.32
N GLU A 8 -6.12 -2.70 -7.06
CA GLU A 8 -6.33 -1.92 -5.87
C GLU A 8 -5.89 -2.72 -4.64
N ALA A 9 -6.16 -4.02 -4.68
CA ALA A 9 -5.76 -4.90 -3.60
C ALA A 9 -4.26 -5.16 -3.68
N LEU A 10 -3.74 -5.14 -4.91
CA LEU A 10 -2.33 -5.37 -5.18
C LEU A 10 -1.50 -4.15 -4.85
N ARG A 11 -1.90 -3.03 -5.42
CA ARG A 11 -1.24 -1.76 -5.23
C ARG A 11 -1.33 -1.33 -3.78
N ARG A 12 -2.42 -1.68 -3.12
CA ARG A 12 -2.57 -1.34 -1.72
C ARG A 12 -1.82 -2.34 -0.88
N GLN A 13 -1.73 -3.56 -1.37
CA GLN A 13 -1.01 -4.57 -0.64
C GLN A 13 0.46 -4.20 -0.58
N ARG A 14 1.02 -3.89 -1.74
CA ARG A 14 2.42 -3.48 -1.84
C ARG A 14 2.60 -2.03 -1.38
N LEU A 15 1.59 -1.19 -1.65
CA LEU A 15 1.67 0.22 -1.28
C LEU A 15 1.34 0.46 0.19
N ALA A 16 0.16 0.03 0.61
CA ALA A 16 -0.26 0.22 2.00
C ALA A 16 0.71 -0.45 2.97
N GLU A 17 1.37 -1.51 2.50
CA GLU A 17 2.33 -2.24 3.33
C GLU A 17 3.44 -1.31 3.82
N LEU A 18 4.07 -0.59 2.88
CA LEU A 18 5.14 0.32 3.21
C LEU A 18 4.59 1.64 3.75
N GLN A 19 3.54 2.14 3.11
CA GLN A 19 2.92 3.40 3.52
C GLN A 19 2.44 3.32 4.97
N ALA A 20 2.21 2.10 5.44
CA ALA A 20 1.75 1.90 6.82
C ALA A 20 2.91 1.96 7.80
N LYS A 21 4.04 1.38 7.41
CA LYS A 21 5.23 1.38 8.27
C LYS A 21 6.28 2.35 7.74
N HIS A 22 5.82 3.41 7.09
CA HIS A 22 6.72 4.42 6.54
C HIS A 22 7.48 5.14 7.65
N GLY A 23 6.81 5.33 8.78
CA GLY A 23 7.43 6.01 9.90
C GLY A 23 6.42 6.60 10.86
N ASP A 24 5.44 7.31 10.31
CA ASP A 24 4.40 7.94 11.13
C ASP A 24 5.01 8.93 12.11
N PRO A 25 4.16 9.77 12.74
CA PRO A 25 4.62 10.76 13.71
C PRO A 25 5.11 10.13 15.00
N GLY A 26 5.28 10.95 16.03
CA GLY A 26 5.75 10.45 17.31
C GLY A 26 4.63 9.87 18.15
N ASP A 27 3.53 10.62 18.27
CA ASP A 27 2.39 10.18 19.04
C ASP A 27 2.77 9.96 20.50
N SER A 2 -13.22 -6.26 -12.09
CA SER A 2 -12.12 -5.94 -11.15
C SER A 2 -10.80 -5.79 -11.88
N ALA A 3 -10.70 -4.73 -12.66
CA ALA A 3 -9.48 -4.43 -13.40
C ALA A 3 -8.58 -3.59 -12.53
N ASP A 4 -9.09 -2.43 -12.13
CA ASP A 4 -8.38 -1.51 -11.27
C ASP A 4 -8.50 -1.98 -9.82
N GLU A 5 -9.68 -2.50 -9.50
CA GLU A 5 -9.99 -2.99 -8.18
C GLU A 5 -8.98 -4.04 -7.73
N GLU A 6 -8.84 -5.09 -8.54
CA GLU A 6 -7.90 -6.16 -8.23
C GLU A 6 -6.54 -5.59 -7.92
N LEU A 7 -6.03 -4.79 -8.86
CA LEU A 7 -4.76 -4.13 -8.67
C LEU A 7 -4.81 -3.27 -7.44
N GLU A 8 -5.97 -2.71 -7.20
CA GLU A 8 -6.15 -1.84 -6.05
C GLU A 8 -5.72 -2.58 -4.79
N ALA A 9 -6.04 -3.87 -4.74
CA ALA A 9 -5.65 -4.70 -3.61
C ALA A 9 -4.16 -5.00 -3.68
N LEU A 10 -3.67 -5.07 -4.92
CA LEU A 10 -2.27 -5.34 -5.19
C LEU A 10 -1.39 -4.14 -4.89
N ARG A 11 -1.87 -2.99 -5.31
CA ARG A 11 -1.17 -1.75 -5.12
C ARG A 11 -1.34 -1.28 -3.70
N ARG A 12 -2.44 -1.62 -3.08
CA ARG A 12 -2.68 -1.25 -1.69
C ARG A 12 -1.97 -2.23 -0.80
N GLN A 13 -1.86 -3.46 -1.25
CA GLN A 13 -1.19 -4.45 -0.47
C GLN A 13 0.30 -4.11 -0.37
N ARG A 14 0.90 -3.85 -1.52
CA ARG A 14 2.31 -3.48 -1.58
C ARG A 14 2.50 -2.03 -1.15
N LEU A 15 1.50 -1.19 -1.41
CA LEU A 15 1.58 0.23 -1.07
C LEU A 15 1.27 0.47 0.41
N ALA A 16 0.10 0.04 0.86
CA ALA A 16 -0.30 0.24 2.25
C ALA A 16 0.70 -0.42 3.21
N GLU A 17 1.16 -1.60 2.87
CA GLU A 17 2.11 -2.32 3.71
C GLU A 17 3.35 -1.49 3.96
N LEU A 18 3.83 -0.81 2.92
CA LEU A 18 5.01 0.03 3.02
C LEU A 18 4.72 1.28 3.83
N GLN A 19 3.64 1.96 3.48
CA GLN A 19 3.24 3.18 4.18
C GLN A 19 2.90 2.87 5.63
N ALA A 20 2.64 1.60 5.93
CA ALA A 20 2.31 1.19 7.29
C ALA A 20 3.35 0.22 7.84
N LYS A 21 4.60 0.41 7.43
CA LYS A 21 5.68 -0.45 7.88
C LYS A 21 6.57 0.28 8.89
N HIS A 22 6.82 1.56 8.64
CA HIS A 22 7.66 2.37 9.52
C HIS A 22 9.06 1.79 9.63
N GLY A 23 9.88 2.08 8.62
CA GLY A 23 11.24 1.58 8.61
C GLY A 23 12.22 2.58 8.04
N ASP A 24 13.24 2.07 7.35
CA ASP A 24 14.25 2.94 6.74
C ASP A 24 14.59 2.47 5.33
N PRO A 25 14.98 3.40 4.45
CA PRO A 25 15.33 3.08 3.06
C PRO A 25 16.64 2.30 2.96
N GLY A 26 17.64 2.73 3.71
CA GLY A 26 18.93 2.07 3.69
C GLY A 26 19.97 2.85 2.91
N ASP A 27 20.10 4.13 3.22
CA ASP A 27 21.06 4.99 2.53
C ASP A 27 21.84 5.83 3.54
N SER A 2 -13.19 -6.35 -12.25
CA SER A 2 -12.09 -6.03 -11.31
C SER A 2 -10.76 -5.88 -12.03
N ALA A 3 -10.66 -4.84 -12.82
CA ALA A 3 -9.43 -4.56 -13.57
C ALA A 3 -8.51 -3.71 -12.71
N ASP A 4 -9.03 -2.55 -12.33
CA ASP A 4 -8.31 -1.62 -11.48
C ASP A 4 -8.43 -2.06 -10.03
N GLU A 5 -9.62 -2.56 -9.70
CA GLU A 5 -9.94 -3.04 -8.36
C GLU A 5 -8.93 -4.10 -7.91
N GLU A 6 -8.81 -5.16 -8.69
CA GLU A 6 -7.88 -6.23 -8.37
C GLU A 6 -6.51 -5.65 -8.07
N LEU A 7 -6.00 -4.88 -9.01
CA LEU A 7 -4.71 -4.23 -8.85
C LEU A 7 -4.76 -3.35 -7.62
N GLU A 8 -5.92 -2.78 -7.39
CA GLU A 8 -6.09 -1.89 -6.26
C GLU A 8 -5.67 -2.61 -4.98
N ALA A 9 -6.00 -3.89 -4.91
CA ALA A 9 -5.62 -4.71 -3.77
C ALA A 9 -4.14 -5.03 -3.84
N LEU A 10 -3.64 -5.11 -5.08
CA LEU A 10 -2.24 -5.42 -5.34
C LEU A 10 -1.36 -4.21 -5.06
N ARG A 11 -1.82 -3.07 -5.50
CA ARG A 11 -1.10 -1.82 -5.33
C ARG A 11 -1.29 -1.31 -3.92
N ARG A 12 -2.41 -1.64 -3.31
CA ARG A 12 -2.67 -1.23 -1.95
C ARG A 12 -1.97 -2.17 -1.00
N GLN A 13 -1.87 -3.43 -1.42
CA GLN A 13 -1.20 -4.41 -0.61
C GLN A 13 0.28 -4.05 -0.51
N ARG A 14 0.88 -3.83 -1.67
CA ARG A 14 2.29 -3.46 -1.75
C ARG A 14 2.49 -1.99 -1.36
N LEU A 15 1.49 -1.16 -1.63
CA LEU A 15 1.57 0.27 -1.33
C LEU A 15 1.28 0.55 0.14
N ALA A 16 0.10 0.13 0.59
CA ALA A 16 -0.29 0.35 1.97
C ALA A 16 0.67 -0.32 2.95
N GLU A 17 1.30 -1.40 2.49
CA GLU A 17 2.25 -2.14 3.32
C GLU A 17 3.37 -1.23 3.80
N LEU A 18 4.01 -0.54 2.85
CA LEU A 18 5.10 0.37 3.17
C LEU A 18 4.58 1.70 3.69
N GLN A 19 3.50 2.18 3.08
CA GLN A 19 2.90 3.44 3.47
C GLN A 19 2.46 3.41 4.94
N ALA A 20 2.23 2.20 5.45
CA ALA A 20 1.81 2.03 6.84
C ALA A 20 2.97 1.56 7.70
N LYS A 21 4.17 1.99 7.36
CA LYS A 21 5.37 1.62 8.11
C LYS A 21 5.87 2.77 8.96
N HIS A 22 6.49 3.76 8.31
CA HIS A 22 7.02 4.93 8.99
C HIS A 22 6.06 6.11 8.86
N GLY A 23 4.76 5.82 8.87
CA GLY A 23 3.78 6.88 8.76
C GLY A 23 2.62 6.69 9.73
N ASP A 24 1.74 7.69 9.78
CA ASP A 24 0.58 7.63 10.67
C ASP A 24 1.03 7.52 12.13
N PRO A 25 1.41 8.66 12.74
CA PRO A 25 1.85 8.68 14.14
C PRO A 25 0.86 8.02 15.07
N GLY A 26 -0.38 8.50 15.06
CA GLY A 26 -1.41 7.94 15.91
C GLY A 26 -2.74 7.81 15.21
N ASP A 27 -3.28 6.60 15.19
CA ASP A 27 -4.57 6.34 14.54
C ASP A 27 -5.48 5.54 15.45
N SER A 2 -12.88 -6.72 -12.04
CA SER A 2 -11.78 -6.36 -11.11
C SER A 2 -10.48 -6.14 -11.85
N ALA A 3 -10.45 -5.08 -12.64
CA ALA A 3 -9.25 -4.72 -13.40
C ALA A 3 -8.37 -3.84 -12.54
N ASP A 4 -8.93 -2.71 -12.13
CA ASP A 4 -8.24 -1.76 -11.28
C ASP A 4 -8.33 -2.22 -9.84
N GLU A 5 -9.48 -2.79 -9.50
CA GLU A 5 -9.74 -3.31 -8.16
C GLU A 5 -8.68 -4.30 -7.73
N GLU A 6 -8.50 -5.34 -8.54
CA GLU A 6 -7.51 -6.37 -8.25
C GLU A 6 -6.17 -5.73 -7.96
N LEU A 7 -5.72 -4.91 -8.90
CA LEU A 7 -4.47 -4.19 -8.75
C LEU A 7 -4.55 -3.36 -7.51
N GLU A 8 -5.73 -2.83 -7.24
CA GLU A 8 -5.93 -1.98 -6.10
C GLU A 8 -5.47 -2.69 -4.83
N ALA A 9 -5.72 -4.00 -4.79
CA ALA A 9 -5.29 -4.82 -3.67
C ALA A 9 -3.78 -5.03 -3.75
N LEU A 10 -3.30 -5.05 -4.98
CA LEU A 10 -1.88 -5.25 -5.26
C LEU A 10 -1.09 -3.99 -4.93
N ARG A 11 -1.66 -2.86 -5.27
CA ARG A 11 -1.04 -1.57 -5.02
C ARG A 11 -1.24 -1.19 -3.57
N ARG A 12 -2.33 -1.63 -2.99
CA ARG A 12 -2.58 -1.35 -1.59
C ARG A 12 -1.81 -2.32 -0.74
N GLN A 13 -1.62 -3.52 -1.25
CA GLN A 13 -0.88 -4.50 -0.51
C GLN A 13 0.56 -4.04 -0.36
N ARG A 14 1.15 -3.66 -1.47
CA ARG A 14 2.52 -3.16 -1.49
C ARG A 14 2.59 -1.72 -0.99
N LEU A 15 1.56 -0.93 -1.29
CA LEU A 15 1.52 0.47 -0.89
C LEU A 15 1.10 0.66 0.56
N ALA A 16 -0.08 0.15 0.91
CA ALA A 16 -0.58 0.27 2.28
C ALA A 16 0.40 -0.31 3.29
N GLU A 17 1.16 -1.31 2.86
CA GLU A 17 2.14 -1.95 3.73
C GLU A 17 3.38 -1.07 3.91
N LEU A 18 3.95 -0.63 2.78
CA LEU A 18 5.13 0.22 2.80
C LEU A 18 4.82 1.56 3.44
N GLN A 19 3.68 2.14 3.05
CA GLN A 19 3.27 3.43 3.58
C GLN A 19 3.13 3.39 5.10
N ALA A 20 2.93 2.18 5.64
CA ALA A 20 2.79 2.00 7.08
C ALA A 20 4.05 1.40 7.68
N LYS A 21 5.20 1.81 7.16
CA LYS A 21 6.47 1.31 7.65
C LYS A 21 6.66 1.65 9.13
N HIS A 22 6.57 2.94 9.44
CA HIS A 22 6.73 3.40 10.82
C HIS A 22 8.10 3.04 11.36
N GLY A 23 8.94 4.06 11.57
CA GLY A 23 10.28 3.84 12.07
C GLY A 23 10.69 4.88 13.10
N ASP A 24 11.98 4.91 13.42
CA ASP A 24 12.50 5.86 14.38
C ASP A 24 13.79 6.50 13.88
N PRO A 25 13.69 7.61 13.11
CA PRO A 25 14.84 8.31 12.57
C PRO A 25 15.87 8.66 13.65
N GLY A 26 16.81 7.76 13.87
CA GLY A 26 17.84 7.99 14.87
C GLY A 26 18.39 6.70 15.44
N ASP A 27 18.67 5.73 14.57
CA ASP A 27 19.21 4.45 15.00
C ASP A 27 20.69 4.33 14.66
N SER A 2 -13.49 -6.38 -11.76
CA SER A 2 -12.37 -6.05 -10.87
C SER A 2 -11.07 -5.89 -11.65
N ALA A 3 -11.02 -4.83 -12.44
CA ALA A 3 -9.84 -4.51 -13.22
C ALA A 3 -8.90 -3.66 -12.41
N ASP A 4 -9.42 -2.51 -11.99
CA ASP A 4 -8.67 -1.58 -11.17
C ASP A 4 -8.72 -2.04 -9.72
N GLU A 5 -9.88 -2.55 -9.34
CA GLU A 5 -10.13 -3.06 -8.00
C GLU A 5 -9.09 -4.10 -7.60
N GLU A 6 -8.97 -5.15 -8.40
CA GLU A 6 -8.01 -6.22 -8.13
C GLU A 6 -6.64 -5.62 -7.88
N LEU A 7 -6.18 -4.82 -8.83
CA LEU A 7 -4.91 -4.15 -8.72
C LEU A 7 -4.91 -3.30 -7.48
N GLU A 8 -6.08 -2.74 -7.20
CA GLU A 8 -6.22 -1.87 -6.05
C GLU A 8 -5.73 -2.59 -4.80
N ALA A 9 -6.02 -3.88 -4.73
CA ALA A 9 -5.58 -4.70 -3.62
C ALA A 9 -4.08 -4.96 -3.76
N LEU A 10 -3.64 -5.01 -5.01
CA LEU A 10 -2.24 -5.25 -5.35
C LEU A 10 -1.40 -4.03 -5.05
N ARG A 11 -1.95 -2.87 -5.35
CA ARG A 11 -1.28 -1.61 -5.13
C ARG A 11 -1.35 -1.25 -3.67
N ARG A 12 -2.42 -1.64 -3.01
CA ARG A 12 -2.56 -1.37 -1.59
C ARG A 12 -1.78 -2.40 -0.81
N GLN A 13 -1.70 -3.60 -1.36
CA GLN A 13 -0.95 -4.64 -0.70
C GLN A 13 0.52 -4.25 -0.65
N ARG A 14 1.05 -3.88 -1.80
CA ARG A 14 2.43 -3.46 -1.92
C ARG A 14 2.62 -2.04 -1.39
N LEU A 15 1.61 -1.19 -1.60
CA LEU A 15 1.68 0.20 -1.16
C LEU A 15 1.39 0.36 0.33
N ALA A 16 0.22 -0.10 0.76
CA ALA A 16 -0.16 0.01 2.17
C ALA A 16 0.85 -0.70 3.06
N GLU A 17 1.51 -1.72 2.53
CA GLU A 17 2.50 -2.48 3.29
C GLU A 17 3.62 -1.57 3.78
N LEU A 18 4.21 -0.81 2.86
CA LEU A 18 5.30 0.10 3.20
C LEU A 18 4.75 1.39 3.82
N GLN A 19 3.73 1.95 3.19
CA GLN A 19 3.12 3.18 3.67
C GLN A 19 2.62 3.03 5.11
N ALA A 20 2.39 1.78 5.53
CA ALA A 20 1.92 1.51 6.88
C ALA A 20 3.07 1.05 7.77
N LYS A 21 4.05 0.37 7.17
CA LYS A 21 5.20 -0.13 7.91
C LYS A 21 6.23 0.97 8.10
N HIS A 22 6.81 1.43 6.99
CA HIS A 22 7.83 2.48 7.04
C HIS A 22 7.53 3.56 6.01
N GLY A 23 7.51 4.81 6.47
CA GLY A 23 7.24 5.92 5.58
C GLY A 23 8.38 6.17 4.60
N ASP A 24 9.43 6.83 5.09
CA ASP A 24 10.59 7.13 4.25
C ASP A 24 10.19 8.00 3.07
N PRO A 25 10.10 9.33 3.27
CA PRO A 25 9.73 10.27 2.21
C PRO A 25 10.81 10.42 1.16
N GLY A 26 12.05 10.57 1.61
CA GLY A 26 13.17 10.72 0.68
C GLY A 26 14.13 11.79 1.11
N ASP A 27 14.49 11.81 2.39
CA ASP A 27 15.41 12.80 2.93
C ASP A 27 16.81 12.20 3.10
#